data_4U10
#
_entry.id   4U10
#
_cell.length_a   65.240
_cell.length_b   67.100
_cell.length_c   101.010
_cell.angle_alpha   90.00
_cell.angle_beta   90.00
_cell.angle_gamma   90.00
#
_symmetry.space_group_name_H-M   'P 21 21 21'
#
loop_
_entity.id
_entity.type
_entity.pdbx_description
1 polymer 'Poly-beta-1,6-N-acetyl-D-glucosamine N-deacetylase'
2 non-polymer 'ZINC ION'
3 non-polymer 'CHLORIDE ION'
4 water water
#
_entity_poly.entity_id   1
_entity_poly.type   'polypeptide(L)'
_entity_poly.pdbx_seq_one_letter_code
;(MSE)DRYGVLAYHSVVDDTAAKEEKQYFPQTISANLLISHFNWLKDNGYNVVSWQQIIDAENGKSTLPEKAVVLSFDDG
YAT(MSE)YNVIYPILKAYNYPAVFAPVSSWLDTPVNQLIPYANIKLPRNVFVTWDQVRE(MSE)EQSGLVEIASHTDNL
HHGVRANPAGSQLPAVVAPEYKNNRYESKTEYKNRLVQDFSRSSKSIQRQIGKKPRI(MSE)VWPYGQFNDVAIDAAKQS
G(MSE)THHFALGQKIINKIGDRYVGRLLIDTETGFSTIKNFLDGVDDESKL(MSE)RHHHHHH
;
_entity_poly.pdbx_strand_id   A,B
#
# COMPACT_ATOMS: atom_id res chain seq x y z
N ASP A 2 -20.32 17.29 -5.16
CA ASP A 2 -20.02 15.94 -5.64
C ASP A 2 -18.81 15.27 -4.87
N ARG A 3 -18.33 15.89 -3.81
CA ARG A 3 -17.11 15.44 -3.14
C ARG A 3 -17.50 14.96 -1.76
N TYR A 4 -16.70 14.05 -1.22
CA TYR A 4 -16.78 13.67 0.20
C TYR A 4 -15.41 13.23 0.72
N GLY A 5 -15.22 13.43 2.04
CA GLY A 5 -14.05 12.99 2.75
C GLY A 5 -14.41 11.78 3.62
N VAL A 6 -13.41 11.01 4.01
CA VAL A 6 -13.61 9.83 4.81
C VAL A 6 -12.63 9.80 5.97
N LEU A 7 -13.09 9.55 7.19
CA LEU A 7 -12.18 9.36 8.31
C LEU A 7 -12.05 7.89 8.71
N ALA A 8 -10.82 7.43 8.94
CA ALA A 8 -10.60 6.01 9.31
C ALA A 8 -10.18 5.86 10.77
N TYR A 9 -11.02 5.23 11.58
CA TYR A 9 -10.79 5.00 12.99
C TYR A 9 -10.59 3.51 13.23
N HIS A 10 -10.01 3.14 14.38
CA HIS A 10 -9.90 1.73 14.78
C HIS A 10 -10.57 1.60 16.13
N SER A 11 -9.81 1.28 17.17
CA SER A 11 -10.43 1.17 18.47
C SER A 11 -10.51 2.53 19.14
N VAL A 12 -11.54 2.64 20.00
CA VAL A 12 -11.89 3.82 20.80
C VAL A 12 -12.25 3.32 22.21
N VAL A 13 -11.55 3.83 23.23
CA VAL A 13 -11.68 3.37 24.59
C VAL A 13 -12.02 4.60 25.47
N ASP A 14 -12.67 4.36 26.60
CA ASP A 14 -12.96 5.44 27.55
C ASP A 14 -11.67 5.99 28.17
N ASP A 15 -10.74 5.12 28.46
CA ASP A 15 -9.36 5.49 28.96
C ASP A 15 -8.79 6.77 28.30
N THR A 16 -8.51 7.78 29.11
CA THR A 16 -7.82 9.01 28.66
C THR A 16 -6.30 8.96 28.85
N ALA A 17 -5.80 7.85 29.39
CA ALA A 17 -4.33 7.64 29.54
C ALA A 17 -3.56 7.86 28.24
N ALA A 18 -2.32 8.34 28.35
CA ALA A 18 -1.42 8.46 27.21
C ALA A 18 -1.23 7.02 26.73
N LYS A 19 -1.27 6.76 25.43
CA LYS A 19 -1.40 5.31 24.97
C LYS A 19 -0.11 4.58 24.53
N GLU A 20 0.93 5.34 24.27
CA GLU A 20 2.18 4.81 23.67
C GLU A 20 2.71 3.54 24.34
N GLU A 21 2.53 3.44 25.67
CA GLU A 21 2.99 2.26 26.45
C GLU A 21 1.93 1.28 26.95
N LYS A 22 0.67 1.48 26.57
CA LYS A 22 -0.45 0.72 27.16
C LYS A 22 -0.85 -0.60 26.49
N GLN A 23 -0.11 -0.97 25.46
CA GLN A 23 -0.32 -2.20 24.67
C GLN A 23 -1.67 -2.29 23.95
N TYR A 24 -2.34 -1.18 23.71
CA TYR A 24 -3.48 -1.31 22.83
C TYR A 24 -2.95 -1.62 21.40
N PHE A 25 -3.87 -1.97 20.52
CA PHE A 25 -3.59 -2.06 19.13
C PHE A 25 -3.33 -0.69 18.53
N PRO A 26 -2.71 -0.65 17.33
CA PRO A 26 -2.39 0.61 16.75
C PRO A 26 -3.61 1.57 16.52
N GLN A 27 -3.33 2.87 16.60
CA GLN A 27 -4.32 3.94 16.38
C GLN A 27 -5.50 3.94 17.35
N THR A 28 -5.35 3.30 18.51
CA THR A 28 -6.40 3.37 19.50
C THR A 28 -6.45 4.80 20.06
N ILE A 29 -7.65 5.40 20.12
CA ILE A 29 -7.81 6.74 20.68
C ILE A 29 -8.87 6.73 21.82
N SER A 30 -9.01 7.87 22.51
CA SER A 30 -9.93 8.00 23.62
C SER A 30 -11.27 8.44 23.05
N ALA A 31 -12.29 8.06 23.76
CA ALA A 31 -13.64 8.46 23.44
C ALA A 31 -13.71 9.99 23.49
N ASN A 32 -12.98 10.66 24.40
CA ASN A 32 -13.01 12.14 24.41
C ASN A 32 -12.51 12.74 23.13
N LEU A 33 -11.43 12.15 22.59
CA LEU A 33 -10.90 12.64 21.33
C LEU A 33 -11.90 12.41 20.20
N LEU A 34 -12.60 11.28 20.24
CA LEU A 34 -13.59 10.93 19.21
C LEU A 34 -14.73 11.99 19.28
N ILE A 35 -15.23 12.23 20.47
CA ILE A 35 -16.33 13.28 20.70
C ILE A 35 -15.90 14.62 20.21
N SER A 36 -14.60 14.91 20.36
CA SER A 36 -14.06 16.19 19.96
C SER A 36 -14.08 16.35 18.46
N HIS A 37 -13.73 15.25 17.78
CA HIS A 37 -13.86 15.22 16.37
C HIS A 37 -15.35 15.38 15.95
N PHE A 38 -16.24 14.65 16.58
CA PHE A 38 -17.70 14.65 16.23
C PHE A 38 -18.31 16.00 16.43
N ASN A 39 -17.91 16.65 17.51
CA ASN A 39 -18.21 18.08 17.73
C ASN A 39 -17.60 19.07 16.75
N TRP A 40 -16.33 18.89 16.40
CA TRP A 40 -15.65 19.78 15.52
C TRP A 40 -16.25 19.68 14.13
N LEU A 41 -16.62 18.46 13.71
CA LEU A 41 -17.21 18.31 12.39
C LEU A 41 -18.52 19.11 12.33
N LYS A 42 -19.40 18.92 13.32
CA LYS A 42 -20.77 19.50 13.20
C LYS A 42 -20.71 21.02 13.39
N ASP A 43 -19.74 21.48 14.21
CA ASP A 43 -19.54 22.91 14.53
C ASP A 43 -18.67 23.59 13.47
N ASN A 44 -18.39 22.92 12.35
CA ASN A 44 -17.67 23.52 11.23
C ASN A 44 -18.31 23.27 9.88
N GLY A 45 -19.53 22.78 9.89
CA GLY A 45 -20.31 22.69 8.65
C GLY A 45 -20.16 21.40 7.88
N TYR A 46 -19.47 20.43 8.51
CA TYR A 46 -19.29 19.12 7.89
C TYR A 46 -20.48 18.30 8.26
N ASN A 47 -21.08 17.67 7.24
CA ASN A 47 -22.26 16.86 7.37
C ASN A 47 -21.83 15.41 7.21
N VAL A 48 -21.97 14.64 8.28
CA VAL A 48 -21.81 13.17 8.27
C VAL A 48 -22.93 12.49 7.55
N VAL A 49 -22.58 11.81 6.49
CA VAL A 49 -23.55 11.10 5.68
C VAL A 49 -23.27 9.60 5.73
N SER A 50 -24.29 8.81 5.46
CA SER A 50 -24.14 7.37 5.45
C SER A 50 -23.65 6.92 4.07
N TRP A 51 -23.12 5.70 4.02
CA TRP A 51 -22.71 5.14 2.77
C TRP A 51 -23.91 5.09 1.83
N GLN A 52 -25.06 4.74 2.34
CA GLN A 52 -26.28 4.71 1.49
C GLN A 52 -26.53 6.05 0.74
N GLN A 53 -26.30 7.19 1.40
CA GLN A 53 -26.41 8.50 0.75
C GLN A 53 -25.40 8.69 -0.35
N ILE A 54 -24.19 8.17 -0.13
CA ILE A 54 -23.18 8.13 -1.20
C ILE A 54 -23.70 7.32 -2.40
N ILE A 55 -24.26 6.14 -2.15
CA ILE A 55 -24.73 5.29 -3.23
C ILE A 55 -25.94 5.91 -3.91
N ASP A 56 -26.83 6.47 -3.10
CA ASP A 56 -27.95 7.23 -3.62
C ASP A 56 -27.54 8.39 -4.49
N ALA A 57 -26.48 9.08 -4.13
CA ALA A 57 -25.95 10.11 -4.98
C ALA A 57 -25.46 9.59 -6.31
N GLU A 58 -24.67 8.50 -6.32
CA GLU A 58 -24.13 7.99 -7.58
C GLU A 58 -25.22 7.44 -8.46
N ASN A 59 -26.28 6.95 -7.85
CA ASN A 59 -27.42 6.45 -8.61
C ASN A 59 -28.48 7.48 -8.97
N GLY A 60 -28.19 8.76 -8.71
CA GLY A 60 -29.07 9.88 -9.11
C GLY A 60 -30.40 9.90 -8.39
N LYS A 61 -30.46 9.36 -7.17
CA LYS A 61 -31.70 9.37 -6.37
C LYS A 61 -31.83 10.54 -5.39
N SER A 62 -30.72 11.08 -4.91
CA SER A 62 -30.72 12.17 -3.95
C SER A 62 -29.36 12.84 -4.01
N THR A 63 -29.25 14.07 -3.59
CA THR A 63 -27.94 14.73 -3.64
C THR A 63 -27.37 14.76 -2.24
N LEU A 64 -26.05 14.83 -2.13
CA LEU A 64 -25.38 15.02 -0.86
C LEU A 64 -25.40 16.45 -0.34
N PRO A 65 -25.33 16.62 0.99
CA PRO A 65 -25.17 17.97 1.52
C PRO A 65 -23.78 18.47 1.26
N GLU A 66 -23.54 19.74 1.58
CA GLU A 66 -22.20 20.31 1.53
C GLU A 66 -21.28 19.61 2.53
N LYS A 67 -20.00 19.62 2.19
CA LYS A 67 -18.94 19.18 3.08
C LYS A 67 -19.30 17.79 3.69
N ALA A 68 -19.69 16.88 2.81
CA ALA A 68 -20.10 15.52 3.21
C ALA A 68 -18.88 14.78 3.75
N VAL A 69 -19.08 13.97 4.78
CA VAL A 69 -18.01 13.22 5.40
C VAL A 69 -18.58 11.86 5.79
N VAL A 70 -17.81 10.80 5.58
CA VAL A 70 -18.15 9.45 5.98
C VAL A 70 -17.21 9.05 7.14
N LEU A 71 -17.77 8.39 8.14
CA LEU A 71 -16.97 7.90 9.27
C LEU A 71 -16.80 6.40 9.10
N SER A 72 -15.59 5.84 9.36
CA SER A 72 -15.30 4.43 9.18
C SER A 72 -14.47 3.84 10.34
N PHE A 73 -14.82 2.61 10.75
CA PHE A 73 -14.20 1.97 11.90
C PHE A 73 -13.78 0.59 11.49
N ASP A 74 -12.49 0.32 11.66
CA ASP A 74 -11.89 -0.94 11.20
C ASP A 74 -11.59 -1.93 12.34
N ASP A 75 -11.87 -3.22 12.03
CA ASP A 75 -11.26 -4.43 12.55
C ASP A 75 -12.21 -5.37 13.28
N GLY A 76 -13.30 -4.85 13.82
CA GLY A 76 -14.23 -5.68 14.61
C GLY A 76 -14.03 -5.61 16.09
N TYR A 77 -13.29 -4.62 16.60
CA TYR A 77 -13.14 -4.53 18.11
C TYR A 77 -14.45 -4.36 18.83
N ALA A 78 -14.61 -5.06 19.97
CA ALA A 78 -15.77 -4.95 20.82
C ALA A 78 -16.09 -3.47 21.19
N THR A 79 -15.09 -2.62 21.15
CA THR A 79 -15.32 -1.19 21.38
C THR A 79 -16.26 -0.53 20.41
N TYR A 81 -19.10 -1.75 19.50
CA TYR A 81 -20.40 -1.83 20.13
C TYR A 81 -20.48 -1.14 21.47
N ASN A 82 -19.43 -1.26 22.28
CA ASN A 82 -19.42 -0.82 23.68
C ASN A 82 -19.14 0.66 23.93
N VAL A 83 -18.43 1.32 23.02
CA VAL A 83 -17.95 2.65 23.24
C VAL A 83 -18.44 3.50 22.09
N ILE A 84 -18.20 3.08 20.86
CA ILE A 84 -18.47 3.93 19.72
C ILE A 84 -19.97 4.07 19.43
N TYR A 85 -20.68 2.96 19.38
CA TYR A 85 -22.02 2.91 18.89
C TYR A 85 -22.96 3.81 19.69
N PRO A 86 -22.91 3.75 21.03
CA PRO A 86 -23.74 4.67 21.81
C PRO A 86 -23.53 6.17 21.42
N ILE A 87 -22.28 6.53 21.12
CA ILE A 87 -21.91 7.86 20.70
C ILE A 87 -22.48 8.15 19.33
N LEU A 88 -22.42 7.18 18.41
CA LEU A 88 -22.99 7.42 17.06
C LEU A 88 -24.48 7.71 17.17
N LYS A 89 -25.16 6.92 18.01
CA LYS A 89 -26.57 7.08 18.27
C LYS A 89 -26.91 8.46 18.87
N ALA A 90 -26.17 8.89 19.90
CA ALA A 90 -26.29 10.23 20.49
C ALA A 90 -26.11 11.39 19.48
N TYR A 91 -25.15 11.27 18.58
CA TYR A 91 -24.95 12.27 17.55
C TYR A 91 -25.82 12.10 16.31
N ASN A 92 -26.55 11.00 16.26
CA ASN A 92 -27.15 10.51 15.03
C ASN A 92 -26.21 10.55 13.78
N TYR A 93 -25.01 10.01 14.01
CA TYR A 93 -23.97 9.81 12.99
C TYR A 93 -23.93 8.41 12.48
N PRO A 94 -24.16 8.24 11.18
CA PRO A 94 -23.93 6.92 10.63
C PRO A 94 -22.43 6.69 10.38
N ALA A 95 -22.11 5.45 10.10
CA ALA A 95 -20.72 5.01 9.93
C ALA A 95 -20.68 3.67 9.15
N VAL A 96 -19.50 3.37 8.63
CA VAL A 96 -19.12 2.13 8.05
C VAL A 96 -18.26 1.37 9.06
N PHE A 97 -18.54 0.10 9.27
CA PHE A 97 -17.79 -0.74 10.20
C PHE A 97 -17.26 -1.93 9.37
N ALA A 98 -15.96 -2.24 9.51
CA ALA A 98 -15.31 -3.30 8.77
C ALA A 98 -14.64 -4.35 9.67
N PRO A 99 -15.47 -5.29 10.16
CA PRO A 99 -14.89 -6.36 10.96
C PRO A 99 -14.20 -7.46 10.13
N VAL A 100 -13.08 -8.00 10.62
CA VAL A 100 -12.53 -9.14 10.01
C VAL A 100 -13.46 -10.33 10.25
N SER A 101 -14.05 -10.89 9.21
CA SER A 101 -15.08 -11.93 9.41
C SER A 101 -14.66 -13.26 10.03
N SER A 102 -13.43 -13.75 9.79
CA SER A 102 -13.02 -15.02 10.49
C SER A 102 -12.83 -14.80 12.03
N TRP A 103 -12.52 -13.56 12.42
CA TRP A 103 -12.43 -13.24 13.84
C TRP A 103 -13.84 -13.36 14.46
N LEU A 104 -14.82 -12.75 13.84
CA LEU A 104 -16.19 -12.86 14.31
C LEU A 104 -16.71 -14.30 14.27
N ASP A 105 -16.28 -15.06 13.26
CA ASP A 105 -16.70 -16.46 13.09
C ASP A 105 -16.03 -17.45 14.04
N THR A 106 -15.03 -17.02 14.79
CA THR A 106 -14.38 -17.83 15.79
C THR A 106 -15.40 -18.12 16.91
N PRO A 107 -15.61 -19.39 17.21
CA PRO A 107 -16.49 -19.77 18.30
C PRO A 107 -16.08 -19.13 19.63
N VAL A 108 -17.03 -18.86 20.51
CA VAL A 108 -16.71 -18.15 21.79
C VAL A 108 -15.69 -18.87 22.70
N ASN A 109 -15.49 -20.16 22.49
CA ASN A 109 -14.65 -20.98 23.36
C ASN A 109 -13.18 -21.04 22.94
N GLN A 110 -12.81 -20.19 21.97
CA GLN A 110 -11.50 -20.24 21.32
C GLN A 110 -10.85 -18.87 21.22
N LEU A 111 -9.53 -18.88 21.19
CA LEU A 111 -8.74 -17.66 21.02
C LEU A 111 -8.47 -17.50 19.56
N ILE A 112 -8.07 -16.29 19.19
CA ILE A 112 -7.85 -15.94 17.81
C ILE A 112 -6.38 -15.81 17.63
N PRO A 113 -5.80 -16.66 16.76
CA PRO A 113 -4.36 -16.58 16.45
C PRO A 113 -4.09 -15.24 15.79
N TYR A 114 -3.11 -14.49 16.30
CA TYR A 114 -2.84 -13.14 15.83
C TYR A 114 -1.33 -12.85 15.96
N ALA A 115 -0.64 -12.92 14.83
CA ALA A 115 0.84 -12.91 14.75
C ALA A 115 1.42 -13.91 15.77
N ASN A 116 2.20 -13.44 16.73
CA ASN A 116 2.85 -14.36 17.66
C ASN A 116 1.96 -14.81 18.84
N ILE A 117 0.76 -14.24 18.96
CA ILE A 117 -0.07 -14.44 20.13
C ILE A 117 -1.48 -14.94 19.77
N LYS A 118 -2.26 -15.24 20.81
CA LYS A 118 -3.63 -15.67 20.66
C LYS A 118 -4.50 -14.73 21.50
N LEU A 119 -5.56 -14.17 20.89
CA LEU A 119 -6.37 -13.16 21.54
C LEU A 119 -7.72 -13.73 22.06
N PRO A 120 -8.16 -13.30 23.27
CA PRO A 120 -9.48 -13.64 23.75
C PRO A 120 -10.50 -13.31 22.67
N ARG A 121 -11.51 -14.15 22.54
CA ARG A 121 -12.55 -13.90 21.53
C ARG A 121 -13.26 -12.52 21.76
N ASN A 122 -13.33 -12.02 23.01
CA ASN A 122 -14.07 -10.76 23.27
C ASN A 122 -13.30 -9.53 23.15
N VAL A 123 -12.12 -9.64 22.61
CA VAL A 123 -11.57 -8.48 22.00
C VAL A 123 -12.52 -8.00 20.87
N PHE A 124 -13.29 -8.91 20.26
CA PHE A 124 -14.11 -8.57 19.10
C PHE A 124 -15.59 -8.71 19.32
N VAL A 125 -16.35 -7.99 18.50
CA VAL A 125 -17.80 -8.08 18.52
C VAL A 125 -18.34 -9.51 18.26
N THR A 126 -19.57 -9.76 18.65
CA THR A 126 -20.35 -10.94 18.22
C THR A 126 -21.27 -10.51 17.06
N TRP A 127 -21.74 -11.45 16.28
CA TRP A 127 -22.64 -11.13 15.19
C TRP A 127 -24.00 -10.54 15.58
N ASP A 128 -24.50 -10.92 16.77
CA ASP A 128 -25.71 -10.33 17.36
C ASP A 128 -25.49 -8.84 17.48
N GLN A 129 -24.35 -8.44 18.02
CA GLN A 129 -24.03 -7.01 18.12
C GLN A 129 -23.98 -6.29 16.79
N VAL A 130 -23.48 -6.97 15.76
CA VAL A 130 -23.38 -6.39 14.43
C VAL A 130 -24.77 -6.22 13.82
N ARG A 131 -25.61 -7.27 13.96
CA ARG A 131 -27.04 -7.16 13.53
C ARG A 131 -27.79 -5.98 14.15
N GLU A 132 -27.66 -5.79 15.46
CA GLU A 132 -28.29 -4.65 16.14
C GLU A 132 -27.83 -3.30 15.56
N GLU A 134 -26.48 -2.70 12.58
CA GLU A 134 -26.93 -2.54 11.16
C GLU A 134 -28.43 -2.21 11.10
N GLN A 135 -29.22 -2.83 11.98
CA GLN A 135 -30.66 -2.64 12.03
C GLN A 135 -31.01 -1.21 12.45
N SER A 136 -30.14 -0.56 13.24
CA SER A 136 -30.35 0.85 13.63
C SER A 136 -30.41 1.73 12.42
N GLY A 137 -29.97 1.21 11.29
CA GLY A 137 -29.76 2.03 10.13
C GLY A 137 -28.56 2.98 10.19
N LEU A 138 -27.79 2.98 11.26
CA LEU A 138 -26.61 3.86 11.35
C LEU A 138 -25.29 3.25 10.81
N VAL A 139 -25.19 1.96 10.81
CA VAL A 139 -23.93 1.29 10.56
C VAL A 139 -24.04 0.36 9.34
N GLU A 140 -23.23 0.65 8.33
CA GLU A 140 -23.06 -0.16 7.15
C GLU A 140 -21.91 -1.18 7.44
N ILE A 141 -22.18 -2.47 7.21
CA ILE A 141 -21.14 -3.53 7.32
C ILE A 141 -20.32 -3.75 6.04
N ALA A 142 -19.03 -3.43 6.11
CA ALA A 142 -18.10 -3.68 5.04
C ALA A 142 -17.21 -4.85 5.36
N SER A 143 -16.58 -5.39 4.34
CA SER A 143 -15.56 -6.40 4.55
C SER A 143 -14.23 -5.78 4.89
N HIS A 144 -13.41 -6.58 5.62
CA HIS A 144 -12.02 -6.26 5.93
C HIS A 144 -11.24 -7.58 5.81
N THR A 145 -11.63 -8.37 4.80
CA THR A 145 -11.13 -9.72 4.45
C THR A 145 -11.70 -10.71 5.44
N ASP A 146 -11.69 -12.00 5.05
CA ASP A 146 -12.05 -13.05 5.94
C ASP A 146 -10.90 -13.34 6.93
N ASN A 147 -9.79 -13.75 6.40
CA ASN A 147 -8.61 -14.08 7.19
C ASN A 147 -7.30 -13.63 6.51
N LEU A 148 -7.28 -12.39 5.98
CA LEU A 148 -6.07 -11.79 5.40
C LEU A 148 -5.64 -10.48 6.09
N HIS A 149 -5.94 -10.38 7.38
CA HIS A 149 -5.54 -9.25 8.19
C HIS A 149 -4.35 -9.70 9.00
N HIS A 150 -3.37 -10.24 8.30
CA HIS A 150 -2.12 -10.77 8.92
C HIS A 150 -1.02 -10.68 7.87
N GLY A 151 0.22 -10.92 8.28
CA GLY A 151 1.32 -11.10 7.35
C GLY A 151 1.50 -12.49 6.77
N VAL A 152 2.19 -12.54 5.64
CA VAL A 152 2.78 -13.77 5.10
C VAL A 152 4.27 -13.57 4.91
N ARG A 153 5.02 -14.65 5.02
CA ARG A 153 6.45 -14.58 4.67
C ARG A 153 6.53 -14.25 3.19
N ALA A 154 7.25 -13.20 2.85
CA ALA A 154 7.26 -12.71 1.47
C ALA A 154 8.59 -12.97 0.70
N ASN A 155 9.58 -13.52 1.41
CA ASN A 155 10.84 -13.90 0.80
C ASN A 155 11.65 -14.97 1.58
N PRO A 156 12.73 -15.51 0.95
CA PRO A 156 13.48 -16.54 1.72
C PRO A 156 14.21 -16.04 2.97
N ALA A 157 14.52 -14.76 3.06
CA ALA A 157 15.23 -14.22 4.21
C ALA A 157 14.35 -13.98 5.43
N GLY A 158 13.04 -14.15 5.24
CA GLY A 158 12.05 -14.03 6.31
C GLY A 158 11.36 -12.66 6.43
N SER A 159 11.29 -11.91 5.34
CA SER A 159 10.56 -10.63 5.31
C SER A 159 9.07 -10.99 5.40
N GLN A 160 8.28 -10.21 6.16
CA GLN A 160 6.83 -10.42 6.23
C GLN A 160 6.07 -9.21 5.72
N LEU A 161 5.11 -9.43 4.80
CA LEU A 161 4.29 -8.34 4.17
C LEU A 161 2.80 -8.68 4.35
N PRO A 162 1.89 -7.66 4.34
CA PRO A 162 0.46 -7.94 4.46
C PRO A 162 0.04 -8.94 3.44
N ALA A 163 -0.66 -9.97 3.87
CA ALA A 163 -1.08 -11.05 3.03
C ALA A 163 -1.83 -10.66 1.75
N VAL A 164 -2.58 -9.58 1.78
CA VAL A 164 -3.31 -9.14 0.63
C VAL A 164 -2.38 -8.78 -0.53
N VAL A 165 -1.19 -8.24 -0.24
CA VAL A 165 -0.42 -7.54 -1.27
C VAL A 165 0.87 -8.22 -1.69
N ALA A 166 1.10 -9.47 -1.25
CA ALA A 166 2.37 -10.18 -1.50
C ALA A 166 2.12 -11.66 -1.74
N PRO A 167 2.59 -12.23 -2.89
CA PRO A 167 2.65 -13.66 -2.95
C PRO A 167 3.49 -14.19 -1.79
N GLU A 168 2.99 -15.25 -1.18
CA GLU A 168 3.61 -15.96 -0.13
C GLU A 168 4.78 -16.86 -0.57
N TYR A 169 5.80 -16.86 0.26
CA TYR A 169 6.93 -17.71 0.17
C TYR A 169 6.81 -18.74 1.28
N LYS A 170 6.52 -19.98 0.91
CA LYS A 170 6.42 -21.12 1.84
C LYS A 170 6.79 -22.35 1.04
N ASN A 171 7.18 -23.39 1.77
CA ASN A 171 7.68 -24.63 1.16
C ASN A 171 8.85 -24.31 0.22
N ASN A 172 9.66 -23.34 0.59
CA ASN A 172 10.83 -22.91 -0.17
CA ASN A 172 10.83 -22.94 -0.20
C ASN A 172 10.49 -22.44 -1.60
N ARG A 173 9.32 -21.80 -1.77
CA ARG A 173 9.00 -21.20 -3.05
C ARG A 173 7.98 -20.12 -2.96
N TYR A 174 7.94 -19.32 -4.03
CA TYR A 174 6.89 -18.29 -4.19
C TYR A 174 5.63 -18.87 -4.81
N GLU A 175 4.50 -18.44 -4.27
CA GLU A 175 3.21 -18.65 -4.93
C GLU A 175 3.24 -18.29 -6.37
N SER A 176 2.53 -19.02 -7.20
CA SER A 176 2.36 -18.56 -8.56
C SER A 176 1.36 -17.42 -8.58
N LYS A 177 1.36 -16.66 -9.66
CA LYS A 177 0.45 -15.52 -9.73
CA LYS A 177 0.41 -15.57 -9.97
C LYS A 177 -0.97 -16.06 -9.64
N THR A 178 -1.20 -17.24 -10.19
CA THR A 178 -2.45 -17.88 -10.14
C THR A 178 -2.81 -18.36 -8.77
N GLU A 179 -1.86 -18.88 -8.01
CA GLU A 179 -2.11 -19.29 -6.62
C GLU A 179 -2.43 -18.03 -5.76
N TYR A 180 -1.69 -16.97 -5.95
CA TYR A 180 -1.84 -15.74 -5.20
C TYR A 180 -3.23 -15.13 -5.47
N LYS A 181 -3.59 -15.06 -6.74
CA LYS A 181 -4.89 -14.51 -7.07
C LYS A 181 -6.02 -15.32 -6.48
N ASN A 182 -5.94 -16.64 -6.58
CA ASN A 182 -6.87 -17.58 -6.00
CA ASN A 182 -7.00 -17.45 -6.04
C ASN A 182 -7.07 -17.37 -4.49
N ARG A 183 -5.94 -17.17 -3.81
CA ARG A 183 -5.93 -16.95 -2.36
C ARG A 183 -6.77 -15.72 -2.02
N LEU A 184 -6.62 -14.61 -2.77
CA LEU A 184 -7.46 -13.43 -2.56
C LEU A 184 -8.92 -13.61 -2.96
N VAL A 185 -9.17 -14.16 -4.16
CA VAL A 185 -10.52 -14.37 -4.59
C VAL A 185 -11.30 -15.21 -3.58
N GLN A 186 -10.75 -16.31 -3.10
CA GLN A 186 -11.56 -17.18 -2.23
C GLN A 186 -11.75 -16.59 -0.85
N ASP A 187 -10.70 -15.93 -0.33
CA ASP A 187 -10.83 -15.29 0.99
C ASP A 187 -11.91 -14.20 0.95
N PHE A 188 -11.85 -13.32 -0.05
CA PHE A 188 -12.86 -12.29 -0.21
C PHE A 188 -14.25 -12.81 -0.40
N SER A 189 -14.39 -13.83 -1.22
CA SER A 189 -15.66 -14.47 -1.43
C SER A 189 -16.22 -15.15 -0.15
N ARG A 190 -15.38 -15.81 0.65
CA ARG A 190 -15.85 -16.30 1.96
C ARG A 190 -16.29 -15.18 2.92
N SER A 191 -15.57 -14.07 2.93
CA SER A 191 -15.93 -12.92 3.72
C SER A 191 -17.33 -12.38 3.35
N SER A 192 -17.55 -12.16 2.07
CA SER A 192 -18.88 -11.73 1.57
C SER A 192 -19.98 -12.69 2.06
N LYS A 193 -19.79 -13.99 1.89
CA LYS A 193 -20.79 -14.97 2.34
C LYS A 193 -20.93 -15.00 3.85
N SER A 194 -19.80 -15.00 4.58
CA SER A 194 -19.86 -14.89 6.08
C SER A 194 -20.65 -13.70 6.61
N ILE A 195 -20.42 -12.52 6.07
CA ILE A 195 -21.20 -11.36 6.43
C ILE A 195 -22.66 -11.48 5.96
N GLN A 196 -22.87 -11.81 4.70
CA GLN A 196 -24.26 -11.88 4.13
C GLN A 196 -25.21 -12.75 4.95
N ARG A 197 -24.75 -13.91 5.36
CA ARG A 197 -25.60 -14.79 6.07
C ARG A 197 -25.95 -14.29 7.45
N GLN A 198 -25.09 -13.49 8.12
CA GLN A 198 -25.43 -12.99 9.46
C GLN A 198 -26.29 -11.75 9.35
N ILE A 199 -26.12 -10.96 8.29
CA ILE A 199 -26.52 -9.56 8.23
C ILE A 199 -27.69 -9.35 7.24
N GLY A 200 -27.74 -10.17 6.19
CA GLY A 200 -28.79 -10.10 5.17
C GLY A 200 -28.44 -9.22 3.96
N LYS A 201 -27.28 -8.59 3.99
CA LYS A 201 -26.78 -7.68 2.96
C LYS A 201 -25.32 -8.14 2.63
N LYS A 202 -25.02 -8.48 1.37
CA LYS A 202 -23.61 -8.68 0.94
C LYS A 202 -22.87 -7.39 1.15
N PRO A 203 -21.65 -7.45 1.72
CA PRO A 203 -20.97 -6.18 1.78
C PRO A 203 -20.71 -5.59 0.39
N ARG A 204 -20.64 -4.27 0.29
CA ARG A 204 -20.37 -3.63 -0.99
C ARG A 204 -19.18 -2.69 -0.92
N ILE A 205 -18.38 -2.84 0.13
CA ILE A 205 -17.15 -2.12 0.29
C ILE A 205 -16.13 -3.15 0.77
N VAL A 207 -12.61 -2.88 2.76
CA VAL A 207 -11.64 -2.03 3.39
C VAL A 207 -10.34 -2.74 3.56
N TRP A 208 -9.25 -2.14 3.06
CA TRP A 208 -7.96 -2.89 3.01
C TRP A 208 -7.31 -2.86 4.36
N PRO A 209 -6.88 -4.03 4.88
CA PRO A 209 -6.01 -4.02 6.06
C PRO A 209 -4.80 -3.13 5.86
N TYR A 210 -4.54 -2.27 6.84
CA TYR A 210 -3.37 -1.40 6.88
C TYR A 210 -3.37 -0.44 5.71
N GLY A 211 -4.47 -0.26 5.00
CA GLY A 211 -4.45 0.70 3.88
C GLY A 211 -3.83 0.13 2.60
N GLN A 212 -3.36 -1.13 2.59
CA GLN A 212 -2.55 -1.59 1.50
C GLN A 212 -3.33 -2.52 0.55
N PHE A 213 -3.11 -2.28 -0.73
CA PHE A 213 -3.82 -2.98 -1.79
C PHE A 213 -3.03 -2.96 -3.08
N ASN A 214 -3.55 -3.61 -4.10
CA ASN A 214 -2.98 -3.59 -5.41
C ASN A 214 -4.04 -3.99 -6.41
N ASP A 215 -3.64 -4.08 -7.69
CA ASP A 215 -4.55 -4.45 -8.75
C ASP A 215 -5.12 -5.84 -8.64
N VAL A 216 -4.36 -6.79 -8.12
CA VAL A 216 -4.91 -8.14 -8.02
C VAL A 216 -6.01 -8.17 -6.94
N ALA A 217 -5.73 -7.54 -5.82
CA ALA A 217 -6.68 -7.46 -4.72
C ALA A 217 -7.93 -6.75 -5.21
N ILE A 218 -7.77 -5.69 -6.00
CA ILE A 218 -8.94 -4.92 -6.44
C ILE A 218 -9.84 -5.80 -7.26
N ASP A 219 -9.26 -6.55 -8.17
CA ASP A 219 -10.06 -7.37 -9.07
C ASP A 219 -10.68 -8.58 -8.31
N ALA A 220 -9.96 -9.09 -7.32
CA ALA A 220 -10.47 -10.17 -6.44
C ALA A 220 -11.69 -9.70 -5.67
N ALA A 221 -11.65 -8.47 -5.13
CA ALA A 221 -12.74 -7.88 -4.39
C ALA A 221 -13.93 -7.63 -5.31
N LYS A 222 -13.65 -7.02 -6.46
CA LYS A 222 -14.67 -6.73 -7.47
C LYS A 222 -15.44 -7.99 -7.82
N GLN A 223 -14.77 -9.12 -7.98
CA GLN A 223 -15.50 -10.34 -8.30
C GLN A 223 -16.54 -10.75 -7.25
N SER A 224 -16.40 -10.30 -6.00
CA SER A 224 -17.38 -10.64 -4.97
C SER A 224 -18.30 -9.48 -4.60
N GLY A 225 -18.34 -8.46 -5.45
CA GLY A 225 -19.28 -7.36 -5.30
C GLY A 225 -18.75 -6.15 -4.58
N THR A 227 -16.62 -3.28 -5.47
CA THR A 227 -15.94 -2.42 -6.43
C THR A 227 -15.51 -1.13 -5.75
N HIS A 228 -16.26 -0.69 -4.73
CA HIS A 228 -15.80 0.36 -3.83
C HIS A 228 -14.82 -0.18 -2.79
N HIS A 229 -13.66 0.42 -2.72
CA HIS A 229 -12.65 0.01 -1.76
C HIS A 229 -12.08 1.19 -0.99
N PHE A 230 -11.88 1.00 0.30
CA PHE A 230 -11.37 2.05 1.18
C PHE A 230 -9.87 1.84 1.44
N ALA A 231 -9.05 2.80 1.01
CA ALA A 231 -7.60 2.83 1.33
C ALA A 231 -7.31 3.86 2.46
N LEU A 232 -6.09 4.36 2.60
CA LEU A 232 -5.85 5.43 3.54
C LEU A 232 -5.54 6.69 2.73
N GLY A 233 -4.51 7.43 3.14
CA GLY A 233 -4.25 8.81 2.68
C GLY A 233 -3.54 8.95 1.35
N GLN A 234 -3.45 7.87 0.60
CA GLN A 234 -2.93 7.88 -0.77
C GLN A 234 -3.88 8.54 -1.83
N LYS A 235 -4.99 9.09 -1.36
CA LYS A 235 -6.00 9.82 -2.16
C LYS A 235 -6.82 10.60 -1.14
N ILE A 236 -7.14 11.85 -1.42
CA ILE A 236 -7.73 12.68 -0.36
C ILE A 236 -9.18 13.03 -0.67
N ILE A 237 -9.42 13.50 -1.89
CA ILE A 237 -10.76 13.84 -2.31
C ILE A 237 -11.43 12.67 -3.08
N ASN A 238 -12.69 12.42 -2.77
CA ASN A 238 -13.41 11.36 -3.39
C ASN A 238 -14.58 12.04 -4.10
N LYS A 239 -14.91 11.63 -5.32
CA LYS A 239 -16.06 12.18 -6.03
C LYS A 239 -17.12 11.12 -6.00
N ILE A 240 -18.36 11.54 -6.06
CA ILE A 240 -19.47 10.64 -6.21
C ILE A 240 -19.18 9.75 -7.39
N GLY A 241 -19.30 8.45 -7.18
CA GLY A 241 -19.04 7.46 -8.21
C GLY A 241 -17.67 6.79 -8.14
N ASP A 242 -16.69 7.40 -7.46
CA ASP A 242 -15.33 6.82 -7.35
C ASP A 242 -15.37 5.43 -6.74
N ARG A 243 -14.60 4.53 -7.32
CA ARG A 243 -14.37 3.18 -6.79
C ARG A 243 -13.31 3.21 -5.68
N TYR A 244 -12.22 3.93 -5.94
CA TYR A 244 -11.05 4.07 -5.02
C TYR A 244 -11.33 5.20 -4.03
N VAL A 245 -11.52 4.85 -2.77
CA VAL A 245 -11.91 5.86 -1.78
C VAL A 245 -10.76 6.05 -0.82
N GLY A 246 -10.23 7.25 -0.67
CA GLY A 246 -9.20 7.55 0.32
C GLY A 246 -9.75 7.99 1.66
N ARG A 247 -8.94 7.80 2.68
CA ARG A 247 -9.34 8.08 4.02
C ARG A 247 -8.20 8.73 4.78
N LEU A 248 -8.56 9.52 5.79
CA LEU A 248 -7.57 9.98 6.75
C LEU A 248 -7.42 8.98 7.89
N LEU A 249 -6.22 8.46 8.11
CA LEU A 249 -5.98 7.59 9.27
C LEU A 249 -5.90 8.37 10.55
N ILE A 250 -6.83 8.12 11.49
CA ILE A 250 -6.88 8.85 12.71
C ILE A 250 -5.87 8.28 13.73
N ASP A 251 -5.18 9.14 14.45
CA ASP A 251 -4.41 8.66 15.61
C ASP A 251 -4.55 9.66 16.76
N THR A 252 -3.93 9.34 17.90
CA THR A 252 -4.01 10.21 19.08
C THR A 252 -3.47 11.61 18.86
N GLU A 253 -2.69 11.85 17.81
CA GLU A 253 -2.22 13.22 17.46
C GLU A 253 -3.08 13.93 16.43
N THR A 254 -4.19 13.34 16.06
CA THR A 254 -5.06 13.98 15.12
C THR A 254 -5.90 15.05 15.86
N GLY A 255 -5.48 16.30 15.71
CA GLY A 255 -6.21 17.44 16.24
C GLY A 255 -7.04 18.09 15.17
N PHE A 256 -7.69 19.20 15.52
CA PHE A 256 -8.57 19.88 14.56
C PHE A 256 -7.84 20.37 13.28
N SER A 257 -6.62 20.85 13.43
CA SER A 257 -5.98 21.43 12.23
C SER A 257 -5.67 20.34 11.21
N THR A 258 -5.25 19.18 11.72
CA THR A 258 -5.08 17.97 10.90
C THR A 258 -6.39 17.63 10.13
N ILE A 259 -7.50 17.53 10.84
CA ILE A 259 -8.76 17.16 10.21
C ILE A 259 -9.18 18.22 9.22
N LYS A 260 -9.01 19.48 9.60
CA LYS A 260 -9.38 20.59 8.72
C LYS A 260 -8.57 20.60 7.44
N ASN A 261 -7.26 20.46 7.56
CA ASN A 261 -6.42 20.48 6.35
C ASN A 261 -6.75 19.35 5.42
N PHE A 262 -7.03 18.19 5.99
CA PHE A 262 -7.46 17.07 5.17
C PHE A 262 -8.77 17.36 4.46
N LEU A 263 -9.78 17.71 5.22
CA LEU A 263 -11.09 17.91 4.64
C LEU A 263 -11.11 19.14 3.74
N ASP A 264 -10.16 20.07 3.93
CA ASP A 264 -9.89 21.13 2.93
C ASP A 264 -9.23 20.51 1.71
N ASP B 2 -0.80 12.44 -23.69
CA ASP B 2 -0.70 12.81 -22.27
C ASP B 2 -0.80 11.63 -21.23
N ARG B 3 -0.94 10.38 -21.66
CA ARG B 3 -0.97 9.23 -20.74
C ARG B 3 0.32 8.42 -20.88
N TYR B 4 0.80 7.79 -19.80
CA TYR B 4 1.91 6.80 -19.87
C TYR B 4 1.72 5.67 -18.89
N GLY B 5 2.27 4.52 -19.20
CA GLY B 5 2.32 3.44 -18.24
C GLY B 5 3.77 3.18 -17.82
N VAL B 6 3.94 2.45 -16.73
CA VAL B 6 5.23 2.10 -16.17
C VAL B 6 5.22 0.63 -15.74
N LEU B 7 6.27 -0.09 -16.11
CA LEU B 7 6.54 -1.44 -15.71
C LEU B 7 7.61 -1.47 -14.61
N ALA B 8 7.39 -2.35 -13.64
CA ALA B 8 8.26 -2.48 -12.50
C ALA B 8 8.88 -3.88 -12.46
N TYR B 9 10.18 -3.89 -12.64
CA TYR B 9 11.06 -5.08 -12.65
C TYR B 9 11.99 -5.06 -11.43
N HIS B 10 12.47 -6.25 -11.04
CA HIS B 10 13.41 -6.38 -9.94
C HIS B 10 14.66 -7.05 -10.48
N SER B 11 15.05 -8.23 -9.98
CA SER B 11 16.32 -8.87 -10.54
C SER B 11 15.91 -9.62 -11.82
N VAL B 12 16.81 -9.63 -12.79
CA VAL B 12 16.69 -10.38 -14.06
C VAL B 12 17.97 -11.21 -14.22
N VAL B 13 17.81 -12.53 -14.41
CA VAL B 13 18.95 -13.45 -14.49
C VAL B 13 19.03 -14.09 -15.82
N ASP B 14 20.26 -14.44 -16.19
CA ASP B 14 20.55 -14.91 -17.51
C ASP B 14 20.18 -16.39 -17.59
N ASP B 15 18.90 -16.62 -17.84
CA ASP B 15 18.33 -17.95 -17.82
C ASP B 15 17.20 -17.94 -18.87
N THR B 16 16.60 -19.09 -19.08
CA THR B 16 15.45 -19.24 -19.99
C THR B 16 14.16 -18.94 -19.27
N ALA B 17 13.09 -18.78 -20.01
CA ALA B 17 11.84 -18.27 -19.46
C ALA B 17 10.96 -19.41 -18.87
N ALA B 18 11.47 -20.16 -17.90
CA ALA B 18 10.65 -21.15 -17.20
C ALA B 18 9.81 -20.50 -16.04
N LYS B 19 8.49 -20.51 -16.20
CA LYS B 19 7.53 -19.86 -15.22
C LYS B 19 7.70 -20.21 -13.73
N GLU B 20 7.89 -21.49 -13.42
CA GLU B 20 8.03 -21.84 -12.02
C GLU B 20 9.47 -21.85 -11.53
N GLU B 21 10.46 -21.47 -12.35
CA GLU B 21 11.87 -21.71 -11.90
C GLU B 21 12.14 -20.98 -10.56
N LYS B 22 12.79 -21.72 -9.64
CA LYS B 22 13.09 -21.20 -8.34
C LYS B 22 14.05 -20.02 -8.51
N GLN B 23 13.67 -18.90 -7.90
CA GLN B 23 14.41 -17.65 -7.89
C GLN B 23 14.59 -17.31 -6.40
N TYR B 24 15.59 -16.54 -6.02
CA TYR B 24 15.76 -16.19 -4.62
C TYR B 24 14.96 -14.88 -4.25
N PHE B 25 15.27 -13.78 -4.95
CA PHE B 25 14.64 -12.49 -4.64
C PHE B 25 13.22 -12.42 -5.21
N PRO B 26 12.32 -11.70 -4.55
CA PRO B 26 10.93 -11.60 -5.04
C PRO B 26 10.83 -11.05 -6.48
N GLN B 27 9.97 -11.59 -7.34
CA GLN B 27 9.73 -11.06 -8.68
C GLN B 27 10.91 -11.16 -9.61
N THR B 28 11.78 -12.14 -9.38
CA THR B 28 12.86 -12.39 -10.31
C THR B 28 12.31 -12.94 -11.63
N ILE B 29 12.79 -12.42 -12.76
CA ILE B 29 12.47 -13.04 -14.05
C ILE B 29 13.75 -13.34 -14.82
N SER B 30 13.66 -13.95 -15.96
CA SER B 30 14.79 -14.27 -16.79
C SER B 30 15.05 -13.19 -17.82
N ALA B 31 16.27 -13.15 -18.31
CA ALA B 31 16.60 -12.26 -19.41
C ALA B 31 15.83 -12.62 -20.69
N ASN B 32 15.56 -13.91 -20.89
CA ASN B 32 14.81 -14.36 -22.03
C ASN B 32 13.42 -13.69 -22.01
N LEU B 33 12.81 -13.67 -20.83
CA LEU B 33 11.48 -13.03 -20.66
C LEU B 33 11.58 -11.51 -20.84
N LEU B 34 12.62 -10.90 -20.31
CA LEU B 34 12.84 -9.48 -20.50
C LEU B 34 12.90 -9.10 -22.00
N ILE B 35 13.69 -9.85 -22.77
CA ILE B 35 13.79 -9.68 -24.21
C ILE B 35 12.44 -9.85 -24.93
N SER B 36 11.64 -10.86 -24.56
CA SER B 36 10.29 -11.00 -25.12
C SER B 36 9.40 -9.77 -24.85
N HIS B 37 9.47 -9.20 -23.63
CA HIS B 37 8.76 -7.95 -23.31
C HIS B 37 9.27 -6.83 -24.23
N PHE B 38 10.59 -6.71 -24.37
CA PHE B 38 11.21 -5.58 -25.12
C PHE B 38 10.88 -5.67 -26.62
N ASN B 39 10.87 -6.89 -27.08
CA ASN B 39 10.44 -7.19 -28.43
C ASN B 39 8.97 -6.91 -28.66
N TRP B 40 8.16 -7.27 -27.69
CA TRP B 40 6.73 -7.08 -27.81
C TRP B 40 6.38 -5.57 -27.76
N LEU B 41 7.08 -4.81 -26.93
CA LEU B 41 6.81 -3.38 -26.83
C LEU B 41 7.07 -2.68 -28.20
N LYS B 42 8.22 -3.01 -28.79
CA LYS B 42 8.69 -2.48 -30.06
C LYS B 42 7.80 -2.90 -31.23
N ASP B 43 7.44 -4.19 -31.31
CA ASP B 43 6.71 -4.73 -32.46
C ASP B 43 5.18 -4.32 -32.36
N ASN B 44 4.71 -3.87 -31.17
CA ASN B 44 3.36 -3.38 -30.94
C ASN B 44 3.22 -1.88 -30.76
N GLY B 45 4.23 -1.11 -31.09
CA GLY B 45 4.06 0.33 -31.21
C GLY B 45 4.32 1.19 -30.01
N TYR B 46 4.84 0.62 -28.93
CA TYR B 46 5.02 1.37 -27.70
C TYR B 46 6.31 2.13 -27.77
N ASN B 47 6.36 3.30 -27.17
CA ASN B 47 7.57 4.10 -27.15
C ASN B 47 8.09 4.12 -25.73
N VAL B 48 9.33 3.62 -25.51
CA VAL B 48 9.92 3.63 -24.20
C VAL B 48 10.58 4.96 -24.08
N VAL B 49 10.08 5.76 -23.13
CA VAL B 49 10.49 7.12 -22.94
C VAL B 49 11.30 7.22 -21.65
N SER B 50 12.27 8.11 -21.59
CA SER B 50 12.94 8.42 -20.32
C SER B 50 12.04 9.17 -19.38
N TRP B 51 12.43 9.16 -18.12
CA TRP B 51 11.78 10.02 -17.16
C TRP B 51 11.92 11.50 -17.57
N GLN B 52 13.10 11.88 -18.05
CA GLN B 52 13.32 13.24 -18.51
C GLN B 52 12.28 13.69 -19.54
N GLN B 53 11.85 12.76 -20.43
CA GLN B 53 10.75 13.03 -21.40
C GLN B 53 9.42 13.27 -20.72
N ILE B 54 9.07 12.48 -19.69
CA ILE B 54 7.87 12.75 -18.89
C ILE B 54 7.90 14.16 -18.31
N ILE B 55 9.06 14.53 -17.75
CA ILE B 55 9.23 15.83 -17.11
C ILE B 55 9.16 16.98 -18.14
N ASP B 56 9.74 16.74 -19.31
CA ASP B 56 9.75 17.73 -20.35
C ASP B 56 8.30 17.98 -20.85
N ALA B 57 7.47 16.95 -20.86
CA ALA B 57 6.11 17.04 -21.33
C ALA B 57 5.30 17.75 -20.28
N GLU B 58 5.50 17.36 -19.03
CA GLU B 58 4.93 18.05 -17.89
C GLU B 58 5.20 19.57 -17.94
N ASN B 59 6.43 19.95 -18.26
CA ASN B 59 6.85 21.35 -18.21
C ASN B 59 6.61 22.11 -19.54
N GLY B 60 6.03 21.44 -20.53
CA GLY B 60 5.70 22.13 -21.77
C GLY B 60 6.89 22.36 -22.69
N LYS B 61 7.94 21.55 -22.57
CA LYS B 61 9.06 21.65 -23.47
C LYS B 61 8.92 20.76 -24.69
N SER B 62 8.24 19.62 -24.55
CA SER B 62 8.02 18.74 -25.68
C SER B 62 6.78 17.89 -25.46
N THR B 63 6.23 17.35 -26.54
CA THR B 63 5.05 16.50 -26.45
C THR B 63 5.57 15.10 -26.17
N LEU B 64 4.69 14.22 -25.75
CA LEU B 64 5.10 12.93 -25.29
C LEU B 64 4.72 12.06 -26.43
N PRO B 65 5.65 11.24 -26.94
CA PRO B 65 5.22 10.23 -27.89
C PRO B 65 3.97 9.48 -27.44
N GLU B 66 3.23 8.98 -28.43
CA GLU B 66 2.09 8.15 -28.20
C GLU B 66 2.48 6.78 -27.61
N LYS B 67 1.55 6.12 -26.92
CA LYS B 67 1.81 4.84 -26.25
C LYS B 67 3.16 4.88 -25.47
N ALA B 68 3.28 5.86 -24.59
CA ALA B 68 4.48 5.97 -23.81
C ALA B 68 4.55 4.93 -22.68
N VAL B 69 5.76 4.42 -22.46
CA VAL B 69 6.05 3.43 -21.38
C VAL B 69 7.40 3.80 -20.72
N VAL B 70 7.43 3.89 -19.40
CA VAL B 70 8.67 4.00 -18.65
C VAL B 70 9.02 2.61 -18.11
N LEU B 71 10.30 2.26 -18.16
CA LEU B 71 10.82 1.05 -17.56
C LEU B 71 11.47 1.37 -16.26
N SER B 72 11.20 0.57 -15.22
CA SER B 72 11.78 0.81 -13.87
C SER B 72 12.28 -0.49 -13.22
N PHE B 73 13.42 -0.42 -12.49
CA PHE B 73 14.09 -1.59 -11.95
C PHE B 73 14.42 -1.22 -10.46
N ASP B 74 13.94 -2.05 -9.54
CA ASP B 74 14.11 -1.81 -8.16
C ASP B 74 15.21 -2.68 -7.52
N ASP B 75 15.94 -2.03 -6.61
CA ASP B 75 16.64 -2.63 -5.45
C ASP B 75 18.15 -2.42 -5.39
N GLY B 76 18.78 -2.45 -6.57
CA GLY B 76 20.22 -2.30 -6.74
C GLY B 76 21.02 -3.56 -7.02
N TYR B 77 20.34 -4.63 -7.45
CA TYR B 77 20.99 -5.89 -7.73
C TYR B 77 21.99 -5.76 -8.87
N ALA B 78 23.12 -6.47 -8.71
CA ALA B 78 24.20 -6.46 -9.67
C ALA B 78 23.65 -6.89 -11.06
N THR B 79 22.58 -7.64 -11.11
CA THR B 79 21.95 -7.98 -12.40
C THR B 79 21.57 -6.74 -13.22
N TYR B 81 23.34 -4.11 -13.76
CA TYR B 81 24.47 -3.84 -14.63
C TYR B 81 24.83 -5.01 -15.52
N ASN B 82 24.79 -6.21 -14.98
CA ASN B 82 25.43 -7.33 -15.68
C ASN B 82 24.52 -8.06 -16.69
N VAL B 83 23.22 -7.85 -16.61
CA VAL B 83 22.26 -8.51 -17.41
C VAL B 83 21.33 -7.55 -18.12
N ILE B 84 20.79 -6.61 -17.36
CA ILE B 84 19.70 -5.74 -17.87
C ILE B 84 20.26 -4.60 -18.70
N TYR B 85 21.27 -3.92 -18.20
CA TYR B 85 21.88 -2.78 -18.89
C TYR B 85 22.36 -3.05 -20.33
N PRO B 86 23.12 -4.16 -20.59
CA PRO B 86 23.40 -4.43 -22.02
C PRO B 86 22.14 -4.59 -22.89
N ILE B 87 21.10 -5.16 -22.33
CA ILE B 87 19.83 -5.30 -23.05
C ILE B 87 19.14 -3.94 -23.33
N LEU B 88 19.15 -3.05 -22.35
CA LEU B 88 18.67 -1.66 -22.51
C LEU B 88 19.44 -0.95 -23.60
N LYS B 89 20.76 -1.05 -23.57
CA LYS B 89 21.61 -0.48 -24.64
C LYS B 89 21.29 -1.04 -26.02
N ALA B 90 21.08 -2.34 -26.13
CA ALA B 90 20.72 -2.93 -27.46
C ALA B 90 19.34 -2.46 -28.02
N TYR B 91 18.39 -2.23 -27.16
CA TYR B 91 17.10 -1.80 -27.62
C TYR B 91 17.01 -0.27 -27.67
N ASN B 92 18.09 0.41 -27.24
CA ASN B 92 18.06 1.86 -26.90
C ASN B 92 16.90 2.28 -25.98
N TYR B 93 16.70 1.47 -24.92
CA TYR B 93 15.60 1.72 -23.98
C TYR B 93 16.11 2.42 -22.72
N PRO B 94 15.60 3.63 -22.43
CA PRO B 94 15.92 4.27 -21.18
C PRO B 94 15.14 3.63 -20.02
N ALA B 95 15.59 3.87 -18.78
CA ALA B 95 15.01 3.22 -17.60
C ALA B 95 15.18 4.05 -16.34
N VAL B 96 14.37 3.76 -15.33
CA VAL B 96 14.55 4.27 -13.99
C VAL B 96 15.06 3.13 -13.15
N PHE B 97 16.12 3.41 -12.39
CA PHE B 97 16.79 2.45 -11.47
C PHE B 97 16.75 3.04 -10.06
N ALA B 98 16.26 2.24 -9.11
CA ALA B 98 16.07 2.62 -7.76
C ALA B 98 16.80 1.67 -6.83
N PRO B 99 18.09 1.92 -6.61
CA PRO B 99 18.81 1.19 -5.57
C PRO B 99 18.59 1.68 -4.15
N VAL B 100 18.60 0.75 -3.17
CA VAL B 100 18.71 1.09 -1.79
C VAL B 100 20.10 1.62 -1.48
N SER B 101 20.16 2.86 -1.04
CA SER B 101 21.43 3.55 -0.91
C SER B 101 22.38 3.03 0.17
N SER B 102 21.86 2.61 1.32
CA SER B 102 22.72 2.09 2.35
C SER B 102 23.33 0.74 1.96
N TRP B 103 22.68 0.02 1.06
CA TRP B 103 23.10 -1.28 0.57
C TRP B 103 24.28 -1.03 -0.31
N LEU B 104 24.11 -0.08 -1.24
CA LEU B 104 25.26 0.36 -2.01
C LEU B 104 26.41 1.03 -1.22
N ASP B 105 26.09 1.82 -0.19
CA ASP B 105 27.14 2.46 0.61
C ASP B 105 27.86 1.48 1.52
N THR B 106 27.38 0.23 1.60
CA THR B 106 28.04 -0.77 2.45
C THR B 106 29.44 -1.15 1.88
N PRO B 107 30.51 -1.12 2.71
CA PRO B 107 31.85 -1.46 2.18
C PRO B 107 31.97 -2.86 1.59
N VAL B 108 32.95 -3.16 0.72
CA VAL B 108 32.98 -4.50 0.10
C VAL B 108 33.12 -5.65 1.08
N ASN B 109 33.87 -5.39 2.15
CA ASN B 109 34.19 -6.39 3.13
C ASN B 109 33.09 -6.60 4.16
N GLN B 110 31.91 -5.99 3.97
CA GLN B 110 30.84 -6.09 4.98
C GLN B 110 29.55 -6.60 4.38
N LEU B 111 28.69 -7.13 5.24
CA LEU B 111 27.45 -7.73 4.84
C LEU B 111 26.30 -6.77 5.08
N ILE B 112 25.28 -6.91 4.27
CA ILE B 112 24.06 -6.11 4.32
C ILE B 112 22.97 -6.87 5.11
N PRO B 113 22.53 -6.33 6.28
CA PRO B 113 21.42 -7.03 6.93
C PRO B 113 20.20 -7.05 5.99
N TYR B 114 19.61 -8.23 5.89
CA TYR B 114 18.47 -8.48 5.03
C TYR B 114 17.50 -9.43 5.77
N ALA B 115 16.53 -8.85 6.46
CA ALA B 115 15.61 -9.64 7.27
C ALA B 115 16.39 -10.55 8.25
N ASN B 116 16.22 -11.87 8.19
CA ASN B 116 16.88 -12.69 9.17
C ASN B 116 18.32 -12.99 8.81
N ILE B 117 18.74 -12.68 7.58
CA ILE B 117 20.08 -13.07 7.09
C ILE B 117 20.96 -11.88 6.67
N LYS B 118 22.16 -12.18 6.25
CA LYS B 118 23.06 -11.20 5.75
C LYS B 118 23.52 -11.50 4.33
N LEU B 119 23.66 -10.46 3.52
CA LEU B 119 23.98 -10.58 2.14
C LEU B 119 25.31 -9.98 1.87
N PRO B 120 26.13 -10.64 1.04
CA PRO B 120 27.39 -10.10 0.62
C PRO B 120 27.17 -8.84 -0.22
N ARG B 121 28.11 -7.91 -0.12
CA ARG B 121 28.04 -6.66 -0.87
C ARG B 121 27.99 -6.85 -2.40
N ASN B 122 28.73 -7.85 -2.91
CA ASN B 122 28.71 -8.19 -4.35
C ASN B 122 27.34 -8.64 -4.89
N VAL B 123 26.32 -8.80 -4.06
CA VAL B 123 24.94 -8.99 -4.58
C VAL B 123 24.45 -7.74 -5.31
N PHE B 124 25.00 -6.60 -4.97
CA PHE B 124 24.48 -5.32 -5.50
C PHE B 124 25.48 -4.66 -6.39
N VAL B 125 24.99 -3.80 -7.25
CA VAL B 125 25.91 -3.05 -8.12
C VAL B 125 26.90 -2.23 -7.33
N THR B 126 27.97 -1.84 -7.99
CA THR B 126 28.88 -0.84 -7.43
C THR B 126 28.45 0.57 -7.85
N TRP B 127 28.89 1.59 -7.10
CA TRP B 127 28.58 2.96 -7.48
C TRP B 127 29.22 3.39 -8.77
N ASP B 128 30.39 2.80 -9.07
CA ASP B 128 31.09 3.00 -10.31
C ASP B 128 30.24 2.53 -11.47
N GLN B 129 29.62 1.37 -11.33
CA GLN B 129 28.67 0.89 -12.32
C GLN B 129 27.43 1.75 -12.46
N VAL B 130 26.94 2.30 -11.35
CA VAL B 130 25.72 3.18 -11.43
C VAL B 130 26.08 4.47 -12.15
N ARG B 131 27.26 5.01 -11.84
CA ARG B 131 27.77 6.19 -12.57
C ARG B 131 27.91 5.97 -14.09
N GLU B 132 28.43 4.81 -14.48
CA GLU B 132 28.58 4.54 -15.89
C GLU B 132 27.19 4.44 -16.56
N GLU B 134 24.41 5.95 -15.55
CA GLU B 134 23.84 7.30 -15.59
C GLU B 134 24.55 8.15 -16.68
N GLN B 135 25.88 8.03 -16.83
CA GLN B 135 26.63 8.81 -17.87
C GLN B 135 26.16 8.48 -19.28
N SER B 136 25.70 7.24 -19.51
CA SER B 136 25.20 6.82 -20.83
C SER B 136 24.03 7.63 -21.29
N GLY B 137 23.35 8.26 -20.33
CA GLY B 137 22.07 8.98 -20.58
C GLY B 137 20.82 8.10 -20.58
N LEU B 138 20.98 6.79 -20.52
CA LEU B 138 19.83 5.90 -20.52
C LEU B 138 19.18 5.67 -19.14
N VAL B 139 19.97 5.77 -18.07
CA VAL B 139 19.53 5.42 -16.72
C VAL B 139 19.44 6.58 -15.76
N GLU B 140 18.22 6.81 -15.28
CA GLU B 140 17.97 7.78 -14.25
C GLU B 140 17.94 7.12 -12.88
N ILE B 141 18.58 7.74 -11.89
CA ILE B 141 18.68 7.16 -10.56
C ILE B 141 17.64 7.73 -9.62
N ALA B 142 16.76 6.85 -9.15
CA ALA B 142 15.73 7.20 -8.16
C ALA B 142 16.11 6.65 -6.79
N SER B 143 15.52 7.22 -5.75
CA SER B 143 15.57 6.67 -4.41
C SER B 143 14.65 5.44 -4.21
N HIS B 144 15.13 4.56 -3.35
CA HIS B 144 14.39 3.44 -2.84
C HIS B 144 14.55 3.34 -1.35
N THR B 145 14.66 4.49 -0.68
CA THR B 145 14.98 4.73 0.70
C THR B 145 16.42 4.40 0.99
N ASP B 146 16.87 4.85 2.15
CA ASP B 146 18.27 4.63 2.52
C ASP B 146 18.37 3.26 3.16
N ASN B 147 17.55 3.10 4.15
CA ASN B 147 17.55 1.84 4.91
C ASN B 147 16.17 1.54 5.50
N LEU B 148 15.12 1.79 4.70
CA LEU B 148 13.75 1.44 5.06
C LEU B 148 13.17 0.41 4.15
N HIS B 149 14.05 -0.49 3.65
CA HIS B 149 13.60 -1.60 2.84
C HIS B 149 13.55 -2.90 3.60
N HIS B 150 12.87 -2.85 4.73
CA HIS B 150 12.66 -4.03 5.58
C HIS B 150 11.30 -3.76 6.25
N GLY B 151 10.90 -4.66 7.13
CA GLY B 151 9.69 -4.50 7.94
C GLY B 151 10.01 -4.13 9.38
N VAL B 152 9.06 -3.52 10.03
CA VAL B 152 9.10 -3.30 11.47
C VAL B 152 7.99 -4.07 12.19
N ARG B 153 8.26 -4.39 13.45
CA ARG B 153 7.21 -4.81 14.37
C ARG B 153 6.24 -3.64 14.57
N ALA B 154 4.98 -3.86 14.24
CA ALA B 154 3.97 -2.81 14.22
C ALA B 154 3.01 -2.84 15.40
N ASN B 155 2.97 -3.95 16.13
CA ASN B 155 2.13 -4.05 17.33
C ASN B 155 2.69 -5.02 18.38
N PRO B 156 2.13 -4.96 19.60
CA PRO B 156 2.69 -5.84 20.65
C PRO B 156 2.55 -7.32 20.31
N ALA B 157 1.61 -7.64 19.42
CA ALA B 157 1.38 -9.01 19.00
C ALA B 157 2.46 -9.57 18.04
N GLY B 158 3.20 -8.68 17.39
CA GLY B 158 4.32 -9.04 16.54
C GLY B 158 4.08 -8.98 15.04
N SER B 159 2.93 -8.50 14.60
CA SER B 159 2.73 -8.21 13.17
C SER B 159 3.89 -7.35 12.63
N GLN B 160 4.19 -7.59 11.36
CA GLN B 160 5.27 -6.89 10.65
C GLN B 160 4.70 -6.07 9.53
N LEU B 161 5.10 -4.80 9.45
CA LEU B 161 4.65 -3.98 8.33
C LEU B 161 5.89 -3.29 7.76
N PRO B 162 5.84 -2.91 6.48
CA PRO B 162 6.94 -2.16 5.90
C PRO B 162 7.25 -0.93 6.72
N ALA B 163 8.54 -0.76 7.00
CA ALA B 163 9.05 0.31 7.84
C ALA B 163 8.61 1.69 7.40
N VAL B 164 8.33 1.85 6.11
CA VAL B 164 7.93 3.15 5.61
C VAL B 164 6.54 3.51 6.13
N VAL B 165 5.68 2.52 6.36
CA VAL B 165 4.25 2.80 6.50
C VAL B 165 3.70 2.73 7.92
N ALA B 166 4.52 2.33 8.89
CA ALA B 166 4.05 2.13 10.26
C ALA B 166 5.04 2.61 11.31
N PRO B 167 4.55 3.40 12.31
CA PRO B 167 5.27 3.48 13.57
C PRO B 167 5.64 2.08 14.09
N GLU B 168 6.85 1.98 14.60
CA GLU B 168 7.41 0.73 15.07
C GLU B 168 6.91 0.50 16.49
N TYR B 169 6.70 -0.75 16.84
CA TYR B 169 6.48 -1.10 18.21
C TYR B 169 7.76 -1.82 18.65
N LYS B 170 8.42 -1.27 19.66
CA LYS B 170 9.80 -1.63 19.98
C LYS B 170 9.92 -1.73 21.48
N ASN B 171 10.42 -2.87 21.93
CA ASN B 171 10.58 -3.23 23.33
C ASN B 171 9.16 -3.23 23.85
N ASN B 172 8.75 -2.20 24.62
CA ASN B 172 7.36 -2.17 25.15
C ASN B 172 6.60 -0.85 24.85
N ARG B 173 6.88 -0.24 23.71
CA ARG B 173 6.39 1.10 23.43
C ARG B 173 6.23 1.33 21.92
N TYR B 174 5.21 2.07 21.54
CA TYR B 174 5.04 2.50 20.15
C TYR B 174 5.88 3.72 19.95
N GLU B 175 6.50 3.81 18.78
CA GLU B 175 7.16 5.04 18.38
C GLU B 175 6.06 6.09 18.22
N SER B 176 6.28 7.34 18.61
CA SER B 176 5.26 8.38 18.41
C SER B 176 5.15 8.75 16.95
N LYS B 177 4.04 9.40 16.59
CA LYS B 177 3.85 10.02 15.31
C LYS B 177 5.00 10.94 14.89
N THR B 178 5.49 11.75 15.82
CA THR B 178 6.64 12.66 15.57
C THR B 178 7.97 11.92 15.30
N GLU B 179 8.23 10.89 16.09
CA GLU B 179 9.43 10.08 15.92
C GLU B 179 9.43 9.41 14.54
N TYR B 180 8.28 8.85 14.23
CA TYR B 180 8.01 8.07 13.02
C TYR B 180 8.23 8.99 11.79
N LYS B 181 7.63 10.18 11.79
CA LYS B 181 7.88 11.14 10.69
C LYS B 181 9.38 11.54 10.57
N ASN B 182 10.05 11.84 11.68
CA ASN B 182 11.47 12.19 11.65
C ASN B 182 12.31 11.01 11.13
N ARG B 183 12.00 9.78 11.53
CA ARG B 183 12.69 8.62 11.01
C ARG B 183 12.61 8.62 9.46
N LEU B 184 11.44 8.85 8.92
CA LEU B 184 11.25 8.85 7.48
C LEU B 184 11.98 10.03 6.85
N VAL B 185 11.83 11.22 7.44
CA VAL B 185 12.50 12.41 6.86
C VAL B 185 14.02 12.20 6.78
N GLN B 186 14.63 11.76 7.88
CA GLN B 186 16.07 11.66 7.96
C GLN B 186 16.58 10.60 7.00
N ASP B 187 15.84 9.51 6.86
CA ASP B 187 16.23 8.40 6.01
C ASP B 187 16.19 8.87 4.57
N PHE B 188 15.09 9.50 4.16
CA PHE B 188 14.92 9.83 2.78
C PHE B 188 15.89 10.92 2.39
N SER B 189 16.19 11.82 3.31
CA SER B 189 17.25 12.81 3.14
C SER B 189 18.64 12.19 2.97
N ARG B 190 18.99 11.20 3.77
CA ARG B 190 20.27 10.49 3.58
C ARG B 190 20.32 9.80 2.26
N SER B 191 19.21 9.21 1.81
CA SER B 191 19.17 8.58 0.50
C SER B 191 19.49 9.63 -0.56
N SER B 192 18.83 10.77 -0.45
CA SER B 192 18.94 11.81 -1.48
C SER B 192 20.41 12.26 -1.54
N LYS B 193 21.04 12.50 -0.38
CA LYS B 193 22.44 12.93 -0.26
C LYS B 193 23.44 11.87 -0.76
N SER B 194 23.20 10.61 -0.40
CA SER B 194 24.02 9.46 -0.87
C SER B 194 24.08 9.30 -2.38
N ILE B 195 22.94 9.45 -3.02
CA ILE B 195 22.88 9.35 -4.43
C ILE B 195 23.55 10.58 -5.07
N GLN B 196 23.21 11.74 -4.57
CA GLN B 196 23.82 12.98 -5.07
C GLN B 196 25.36 12.93 -5.05
N ARG B 197 25.94 12.51 -3.93
CA ARG B 197 27.38 12.46 -3.75
C ARG B 197 28.04 11.58 -4.81
N GLN B 198 27.39 10.44 -5.10
CA GLN B 198 27.93 9.49 -6.09
C GLN B 198 27.68 9.87 -7.55
N ILE B 199 26.52 10.49 -7.83
CA ILE B 199 26.00 10.58 -9.18
C ILE B 199 26.00 12.02 -9.62
N GLY B 200 25.99 12.95 -8.67
CA GLY B 200 26.00 14.37 -8.98
C GLY B 200 24.60 14.92 -9.30
N LYS B 201 23.55 14.11 -9.23
CA LYS B 201 22.16 14.60 -9.43
C LYS B 201 21.29 14.10 -8.28
N LYS B 202 20.64 15.00 -7.55
CA LYS B 202 19.67 14.61 -6.48
C LYS B 202 18.54 13.85 -7.12
N PRO B 203 18.09 12.74 -6.51
CA PRO B 203 17.01 12.03 -7.13
C PRO B 203 15.71 12.82 -7.03
N ARG B 204 14.82 12.63 -7.99
CA ARG B 204 13.57 13.38 -8.04
C ARG B 204 12.36 12.46 -8.09
N ILE B 205 12.63 11.18 -7.97
CA ILE B 205 11.63 10.14 -7.77
C ILE B 205 11.93 9.32 -6.48
N VAL B 207 10.76 5.71 -5.17
CA VAL B 207 10.10 4.47 -5.45
C VAL B 207 9.90 3.72 -4.14
N TRP B 208 8.64 3.37 -3.82
CA TRP B 208 8.34 2.70 -2.55
C TRP B 208 8.68 1.24 -2.53
N PRO B 209 9.46 0.79 -1.50
CA PRO B 209 9.67 -0.66 -1.32
C PRO B 209 8.32 -1.32 -1.27
N TYR B 210 8.20 -2.45 -2.02
CA TYR B 210 7.01 -3.31 -2.05
C TYR B 210 5.78 -2.60 -2.50
N GLY B 211 5.91 -1.39 -3.05
CA GLY B 211 4.72 -0.65 -3.51
C GLY B 211 3.91 -0.06 -2.36
N GLN B 212 4.43 -0.11 -1.15
CA GLN B 212 3.65 0.39 -0.03
C GLN B 212 4.05 1.79 0.45
N PHE B 213 3.03 2.61 0.73
CA PHE B 213 3.23 3.98 1.16
C PHE B 213 1.99 4.52 1.91
N ASN B 214 2.08 5.73 2.43
CA ASN B 214 0.98 6.42 3.12
C ASN B 214 1.32 7.89 3.03
N ASP B 215 0.47 8.72 3.63
CA ASP B 215 0.54 10.14 3.48
C ASP B 215 1.75 10.72 4.18
N VAL B 216 2.11 10.18 5.32
CA VAL B 216 3.28 10.64 6.03
C VAL B 216 4.57 10.43 5.18
N ALA B 217 4.66 9.30 4.53
CA ALA B 217 5.82 8.94 3.72
C ALA B 217 5.82 9.84 2.49
N ILE B 218 4.66 10.09 1.90
CA ILE B 218 4.62 10.98 0.77
C ILE B 218 5.22 12.33 1.11
N ASP B 219 4.78 12.91 2.23
CA ASP B 219 5.24 14.24 2.62
C ASP B 219 6.73 14.20 3.00
N ALA B 220 7.16 13.14 3.70
CA ALA B 220 8.60 13.00 4.01
C ALA B 220 9.42 12.96 2.73
N ALA B 221 8.98 12.27 1.67
CA ALA B 221 9.73 12.28 0.40
C ALA B 221 9.73 13.63 -0.29
N LYS B 222 8.58 14.33 -0.20
CA LYS B 222 8.46 15.65 -0.84
C LYS B 222 9.49 16.54 -0.21
N GLN B 223 9.54 16.52 1.11
CA GLN B 223 10.49 17.35 1.85
C GLN B 223 11.93 17.18 1.46
N SER B 224 12.31 15.95 1.07
CA SER B 224 13.68 15.65 0.69
C SER B 224 13.83 15.73 -0.83
N GLY B 225 12.84 16.28 -1.51
CA GLY B 225 12.99 16.67 -2.94
C GLY B 225 12.34 15.79 -3.96
N THR B 227 8.94 14.82 -5.44
CA THR B 227 7.50 15.08 -5.50
C THR B 227 6.82 14.04 -6.38
N HIS B 228 7.59 13.29 -7.18
CA HIS B 228 7.01 12.13 -7.86
C HIS B 228 7.35 10.85 -7.10
N HIS B 229 6.35 10.01 -6.97
CA HIS B 229 6.51 8.75 -6.26
C HIS B 229 5.88 7.62 -7.03
N PHE B 230 6.55 6.46 -7.00
CA PHE B 230 6.20 5.30 -7.81
C PHE B 230 5.68 4.20 -6.82
N ALA B 231 4.41 3.87 -6.97
CA ALA B 231 3.77 2.72 -6.27
C ALA B 231 3.71 1.54 -7.23
N LEU B 232 2.76 0.61 -7.05
CA LEU B 232 2.54 -0.49 -7.96
C LEU B 232 1.13 -0.44 -8.56
N GLY B 233 0.38 -1.53 -8.50
CA GLY B 233 -0.87 -1.66 -9.29
C GLY B 233 -2.07 -0.93 -8.68
N GLN B 234 -1.86 -0.13 -7.65
CA GLN B 234 -2.90 0.74 -7.09
C GLN B 234 -3.47 1.73 -8.12
N LYS B 235 -2.65 2.09 -9.10
CA LYS B 235 -3.04 3.04 -10.13
C LYS B 235 -2.52 2.51 -11.45
N ILE B 236 -3.32 2.59 -12.51
CA ILE B 236 -3.01 1.95 -13.79
C ILE B 236 -2.55 2.97 -14.87
N ILE B 237 -3.36 4.01 -15.04
CA ILE B 237 -3.08 5.07 -16.03
C ILE B 237 -2.44 6.26 -15.32
N ASN B 238 -1.34 6.74 -15.88
CA ASN B 238 -0.71 7.93 -15.37
C ASN B 238 -0.90 9.05 -16.36
N LYS B 239 -1.31 10.23 -15.89
CA LYS B 239 -1.51 11.35 -16.79
C LYS B 239 -0.28 12.19 -16.59
N ILE B 240 0.26 12.79 -17.63
CA ILE B 240 1.31 13.81 -17.46
C ILE B 240 0.89 14.79 -16.40
N GLY B 241 1.79 15.08 -15.48
CA GLY B 241 1.48 15.94 -14.35
C GLY B 241 1.12 15.22 -13.05
N ASP B 242 0.71 13.96 -13.08
CA ASP B 242 0.45 13.21 -11.82
C ASP B 242 1.74 13.08 -10.96
N ARG B 243 1.66 13.35 -9.66
CA ARG B 243 2.76 13.11 -8.72
C ARG B 243 2.87 11.63 -8.32
N TYR B 244 1.76 10.95 -8.31
CA TYR B 244 1.58 9.61 -7.86
C TYR B 244 1.56 8.74 -9.07
N VAL B 245 2.57 7.89 -9.22
CA VAL B 245 2.67 7.04 -10.40
C VAL B 245 2.48 5.58 -10.05
N GLY B 246 1.61 4.90 -10.81
CA GLY B 246 1.37 3.49 -10.70
C GLY B 246 2.17 2.67 -11.69
N ARG B 247 2.42 1.43 -11.32
CA ARG B 247 3.26 0.57 -12.13
C ARG B 247 2.75 -0.85 -12.20
N LEU B 248 3.07 -1.56 -13.28
CA LEU B 248 2.76 -2.98 -13.38
C LEU B 248 3.88 -3.78 -12.72
N LEU B 249 3.54 -4.51 -11.65
CA LEU B 249 4.54 -5.42 -11.05
C LEU B 249 4.76 -6.64 -11.96
N ILE B 250 5.93 -6.75 -12.53
CA ILE B 250 6.24 -7.88 -13.43
C ILE B 250 6.63 -9.15 -12.62
N ASP B 251 6.14 -10.30 -13.06
CA ASP B 251 6.65 -11.59 -12.54
C ASP B 251 6.85 -12.59 -13.70
N THR B 252 7.28 -13.83 -13.42
CA THR B 252 7.63 -14.79 -14.53
C THR B 252 6.40 -15.16 -15.35
N GLU B 253 5.23 -14.90 -14.81
CA GLU B 253 3.97 -15.19 -15.50
C GLU B 253 3.32 -14.01 -16.17
N THR B 254 3.98 -12.85 -16.15
CA THR B 254 3.61 -11.73 -16.99
C THR B 254 3.90 -12.01 -18.50
N GLY B 255 2.83 -12.17 -19.27
CA GLY B 255 2.96 -12.37 -20.71
C GLY B 255 2.46 -11.15 -21.48
N PHE B 256 2.20 -11.32 -22.77
CA PHE B 256 1.83 -10.17 -23.61
C PHE B 256 0.47 -9.61 -23.28
N SER B 257 -0.51 -10.48 -23.03
CA SER B 257 -1.87 -9.98 -22.77
C SER B 257 -1.88 -9.30 -21.43
N THR B 258 -1.03 -9.76 -20.52
CA THR B 258 -0.94 -9.09 -19.26
C THR B 258 -0.49 -7.63 -19.53
N ILE B 259 0.54 -7.45 -20.32
CA ILE B 259 1.12 -6.13 -20.47
C ILE B 259 0.20 -5.16 -21.27
N LYS B 260 -0.36 -5.68 -22.36
CA LYS B 260 -1.27 -4.92 -23.25
C LYS B 260 -2.49 -4.40 -22.48
N ASN B 261 -3.12 -5.33 -21.76
CA ASN B 261 -4.32 -5.01 -21.04
C ASN B 261 -4.01 -3.96 -20.03
N PHE B 262 -2.84 -4.02 -19.41
CA PHE B 262 -2.42 -2.95 -18.49
C PHE B 262 -2.16 -1.66 -19.25
N LEU B 263 -1.33 -1.72 -20.30
CA LEU B 263 -1.06 -0.53 -21.09
C LEU B 263 -2.31 -0.22 -21.92
#